data_6CYR
#
_entry.id   6CYR
#
_cell.length_a   37.511
_cell.length_b   52.419
_cell.length_c   88.590
_cell.angle_alpha   90.000
_cell.angle_beta   90.000
_cell.angle_gamma   90.000
#
_symmetry.space_group_name_H-M   'P 21 21 21'
#
loop_
_entity.id
_entity.type
_entity.pdbx_description
1 polymer 'Ubiquitin-conjugating enzyme E2 A'
2 water water
#
_entity_poly.entity_id   1
_entity_poly.type   'polypeptide(L)'
_entity_poly.pdbx_seq_one_letter_code
;GSHMSTPARRRLMRDFKRLQEDPPAGVSGAPSENNIMVWNAVIFGPEGTPFEDGTFKLTIEFTEEYPNKPPTVRFVSKMF
HPNVYADGSICLDILENRWSPTYDVSSILTSIQSLLDEPNPNSPANSQAAQLYQENKREYEKRVSAIVEQSWRDC
;
_entity_poly.pdbx_strand_id   A
#
# COMPACT_ATOMS: atom_id res chain seq x y z
N HIS A 3 3.50 19.89 9.37
CA HIS A 3 4.45 20.99 9.33
C HIS A 3 5.79 20.59 9.96
N MET A 4 6.28 21.39 10.92
CA MET A 4 7.65 21.26 11.38
C MET A 4 7.77 21.27 12.89
N SER A 5 6.72 20.86 13.61
CA SER A 5 6.72 21.08 15.05
C SER A 5 7.29 19.90 15.85
N THR A 6 7.25 18.71 15.29
CA THR A 6 7.72 17.51 15.96
C THR A 6 8.71 16.79 15.06
N PRO A 7 9.57 15.94 15.62
CA PRO A 7 10.46 15.13 14.77
C PRO A 7 9.71 14.28 13.75
N ALA A 8 8.57 13.70 14.14
CA ALA A 8 7.80 12.90 13.19
C ALA A 8 7.31 13.74 12.03
N ARG A 9 6.89 14.98 12.29
CA ARG A 9 6.34 15.80 11.23
C ARG A 9 7.41 16.27 10.27
N ARG A 10 8.57 16.67 10.79
CA ARG A 10 9.69 17.02 9.91
C ARG A 10 10.12 15.82 9.08
N ARG A 11 10.20 14.64 9.69
CA ARG A 11 10.52 13.44 8.92
C ARG A 11 9.49 13.20 7.83
N LEU A 12 8.20 13.37 8.15
CA LEU A 12 7.17 13.19 7.13
C LEU A 12 7.32 14.21 6.00
N MET A 13 7.68 15.46 6.33
CA MET A 13 7.94 16.44 5.29
C MET A 13 9.10 15.99 4.41
N ARG A 14 10.12 15.37 5.01
CA ARG A 14 11.23 14.88 4.21
C ARG A 14 10.80 13.70 3.33
N ASP A 15 9.97 12.79 3.86
CA ASP A 15 9.41 11.75 3.00
C ASP A 15 8.65 12.38 1.84
N PHE A 16 7.81 13.37 2.14
CA PHE A 16 7.06 14.06 1.10
C PHE A 16 8.00 14.66 0.05
N LYS A 17 9.10 15.27 0.50
CA LYS A 17 10.07 15.82 -0.45
C LYS A 17 10.64 14.73 -1.35
N ARG A 18 11.09 13.61 -0.76
CA ARG A 18 11.63 12.51 -1.56
C ARG A 18 10.60 12.05 -2.60
N LEU A 19 9.35 11.88 -2.18
CA LEU A 19 8.31 11.39 -3.09
C LEU A 19 8.03 12.37 -4.22
N GLN A 20 7.97 13.67 -3.91
CA GLN A 20 7.78 14.69 -4.95
C GLN A 20 8.87 14.59 -6.01
N GLU A 21 10.13 14.71 -5.59
CA GLU A 21 11.23 14.90 -6.52
C GLU A 21 11.81 13.60 -7.05
N ASP A 22 11.55 12.48 -6.38
CA ASP A 22 12.13 11.22 -6.83
C ASP A 22 11.20 10.03 -6.57
N PRO A 23 9.98 10.04 -7.10
CA PRO A 23 9.04 8.98 -6.76
C PRO A 23 9.43 7.67 -7.40
N PRO A 24 9.41 6.57 -6.66
CA PRO A 24 9.58 5.26 -7.29
C PRO A 24 8.49 5.04 -8.33
N ALA A 25 8.77 4.17 -9.29
CA ALA A 25 7.84 3.98 -10.39
C ALA A 25 6.48 3.52 -9.87
N GLY A 26 5.42 4.09 -10.43
CA GLY A 26 4.07 3.66 -10.12
C GLY A 26 3.57 4.00 -8.73
N VAL A 27 4.25 4.86 -7.98
CA VAL A 27 3.75 5.24 -6.67
C VAL A 27 3.67 6.76 -6.58
N SER A 28 2.75 7.23 -5.74
CA SER A 28 2.64 8.64 -5.43
C SER A 28 1.90 8.76 -4.10
N GLY A 29 2.10 9.90 -3.46
CA GLY A 29 1.47 10.14 -2.18
C GLY A 29 1.80 11.51 -1.66
N ALA A 30 0.92 12.04 -0.80
CA ALA A 30 1.11 13.36 -0.23
C ALA A 30 0.31 13.44 1.06
N PRO A 31 0.74 14.26 2.01
CA PRO A 31 -0.08 14.49 3.20
C PRO A 31 -1.46 15.04 2.83
N SER A 32 -2.45 14.74 3.66
CA SER A 32 -3.74 15.40 3.51
C SER A 32 -3.58 16.90 3.75
N GLU A 33 -4.53 17.66 3.23
CA GLU A 33 -4.41 19.13 3.30
C GLU A 33 -4.36 19.63 4.73
N ASN A 34 -5.18 19.04 5.61
CA ASN A 34 -5.33 19.54 6.97
C ASN A 34 -4.66 18.67 8.02
N ASN A 35 -3.97 17.60 7.62
CA ASN A 35 -3.40 16.68 8.59
C ASN A 35 -2.19 16.00 7.96
N ILE A 36 -1.00 16.36 8.44
CA ILE A 36 0.24 15.74 7.99
C ILE A 36 0.34 14.28 8.44
N MET A 37 -0.39 13.91 9.49
CA MET A 37 -0.37 12.54 9.99
C MET A 37 -1.15 11.57 9.12
N VAL A 38 -1.96 12.06 8.18
CA VAL A 38 -2.76 11.21 7.31
C VAL A 38 -2.44 11.56 5.87
N TRP A 39 -1.95 10.57 5.12
CA TRP A 39 -1.60 10.72 3.73
C TRP A 39 -2.57 9.95 2.84
N ASN A 40 -2.73 10.45 1.63
CA ASN A 40 -3.36 9.72 0.54
C ASN A 40 -2.27 9.26 -0.41
N ALA A 41 -2.37 8.01 -0.85
CA ALA A 41 -1.35 7.45 -1.72
C ALA A 41 -2.03 6.67 -2.85
N VAL A 42 -1.30 6.53 -3.93
CA VAL A 42 -1.72 5.72 -5.06
C VAL A 42 -0.58 4.80 -5.43
N ILE A 43 -0.88 3.52 -5.63
CA ILE A 43 0.09 2.53 -6.05
C ILE A 43 -0.39 1.97 -7.38
N PHE A 44 0.49 2.03 -8.39
CA PHE A 44 0.20 1.35 -9.64
C PHE A 44 0.63 -0.10 -9.53
N GLY A 45 -0.21 -0.99 -10.05
CA GLY A 45 0.10 -2.40 -10.06
C GLY A 45 1.38 -2.67 -10.82
N PRO A 46 2.21 -3.57 -10.31
CA PRO A 46 3.50 -3.84 -10.97
C PRO A 46 3.29 -4.50 -12.32
N GLU A 47 4.13 -4.11 -13.28
CA GLU A 47 4.05 -4.68 -14.61
C GLU A 47 4.33 -6.17 -14.56
N GLY A 48 3.77 -6.90 -15.53
CA GLY A 48 3.93 -8.34 -15.59
C GLY A 48 3.13 -9.12 -14.57
N THR A 49 2.25 -8.45 -13.82
CA THR A 49 1.43 -9.11 -12.81
C THR A 49 -0.05 -8.94 -13.15
N PRO A 50 -0.95 -9.68 -12.50
CA PRO A 50 -2.38 -9.44 -12.71
C PRO A 50 -2.83 -8.04 -12.32
N PHE A 51 -2.08 -7.35 -11.45
CA PHE A 51 -2.43 -6.02 -10.99
C PHE A 51 -1.95 -4.91 -11.91
N GLU A 52 -1.24 -5.26 -12.98
CA GLU A 52 -0.82 -4.29 -13.98
C GLU A 52 -2.00 -3.46 -14.45
N ASP A 53 -1.75 -2.17 -14.70
CA ASP A 53 -2.71 -1.14 -15.09
C ASP A 53 -3.62 -0.73 -13.94
N GLY A 54 -3.55 -1.39 -12.79
CA GLY A 54 -4.38 -0.98 -11.66
C GLY A 54 -3.80 0.26 -10.99
N THR A 55 -4.70 1.16 -10.59
CA THR A 55 -4.35 2.42 -9.92
C THR A 55 -5.06 2.42 -8.57
N PHE A 56 -4.37 2.02 -7.51
CA PHE A 56 -5.02 1.76 -6.23
C PHE A 56 -4.72 2.88 -5.23
N LYS A 57 -5.78 3.52 -4.75
CA LYS A 57 -5.67 4.53 -3.71
C LYS A 57 -5.56 3.88 -2.34
N LEU A 58 -4.71 4.45 -1.50
CA LEU A 58 -4.58 4.05 -0.11
C LEU A 58 -4.50 5.30 0.75
N THR A 59 -4.86 5.14 2.02
CA THR A 59 -4.59 6.13 3.05
C THR A 59 -3.56 5.56 4.01
N ILE A 60 -2.73 6.44 4.55
CA ILE A 60 -1.68 6.08 5.50
C ILE A 60 -1.80 7.01 6.69
N GLU A 61 -1.84 6.44 7.90
CA GLU A 61 -2.01 7.20 9.11
C GLU A 61 -0.79 7.00 9.99
N PHE A 62 -0.07 8.10 10.25
CA PHE A 62 1.13 8.08 11.06
C PHE A 62 0.83 8.57 12.48
N THR A 63 1.59 8.05 13.44
CA THR A 63 1.59 8.58 14.79
C THR A 63 2.79 9.51 14.98
N GLU A 64 2.79 10.20 16.11
CA GLU A 64 3.94 11.04 16.45
C GLU A 64 5.19 10.23 16.76
N GLU A 65 5.09 8.90 16.80
CA GLU A 65 6.24 8.02 17.00
C GLU A 65 6.95 7.66 15.71
N TYR A 66 6.38 8.03 14.57
CA TYR A 66 7.07 7.81 13.30
C TYR A 66 8.39 8.56 13.32
N PRO A 67 9.47 7.98 12.77
CA PRO A 67 9.51 6.71 12.05
C PRO A 67 9.85 5.48 12.89
N ASN A 68 9.80 5.60 14.22
CA ASN A 68 10.09 4.44 15.06
C ASN A 68 8.93 3.44 15.05
N LYS A 69 7.69 3.93 15.02
CA LYS A 69 6.53 3.04 14.88
C LYS A 69 6.01 3.10 13.45
N PRO A 70 5.70 1.96 12.84
CA PRO A 70 5.19 1.98 11.47
C PRO A 70 3.79 2.54 11.43
N PRO A 71 3.39 3.18 10.33
CA PRO A 71 2.01 3.64 10.19
C PRO A 71 1.09 2.48 9.86
N THR A 72 -0.21 2.75 9.95
CA THR A 72 -1.22 1.82 9.50
C THR A 72 -1.62 2.21 8.09
N VAL A 73 -1.63 1.24 7.19
CA VAL A 73 -1.92 1.46 5.78
C VAL A 73 -3.16 0.66 5.41
N ARG A 74 -4.04 1.29 4.65
CA ARG A 74 -5.29 0.68 4.23
C ARG A 74 -5.51 1.02 2.76
N PHE A 75 -5.81 0.01 1.96
CA PHE A 75 -6.31 0.26 0.61
C PHE A 75 -7.66 0.96 0.68
N VAL A 76 -7.82 2.02 -0.11
CA VAL A 76 -9.13 2.63 -0.29
C VAL A 76 -9.86 2.02 -1.47
N SER A 77 -9.16 1.81 -2.57
CA SER A 77 -9.74 1.13 -3.72
C SER A 77 -10.13 -0.29 -3.33
N LYS A 78 -11.11 -0.85 -4.03
CA LYS A 78 -11.39 -2.27 -3.83
C LYS A 78 -10.14 -3.06 -4.17
N MET A 79 -9.89 -4.11 -3.39
CA MET A 79 -8.71 -4.94 -3.55
C MET A 79 -9.13 -6.41 -3.47
N PHE A 80 -8.45 -7.26 -4.23
CA PHE A 80 -8.59 -8.71 -4.14
C PHE A 80 -7.18 -9.28 -4.11
N HIS A 81 -6.73 -9.67 -2.91
CA HIS A 81 -5.35 -10.09 -2.71
C HIS A 81 -5.29 -10.90 -1.42
N PRO A 82 -4.45 -11.93 -1.34
CA PRO A 82 -4.47 -12.80 -0.15
C PRO A 82 -4.16 -12.08 1.15
N ASN A 83 -3.35 -11.03 1.12
CA ASN A 83 -2.87 -10.38 2.33
C ASN A 83 -3.63 -9.10 2.66
N VAL A 84 -4.76 -8.86 2.00
CA VAL A 84 -5.52 -7.62 2.16
C VAL A 84 -6.94 -7.97 2.58
N TYR A 85 -7.37 -7.46 3.73
CA TYR A 85 -8.69 -7.75 4.28
C TYR A 85 -9.79 -7.04 3.47
N ALA A 86 -11.04 -7.42 3.76
CA ALA A 86 -12.16 -6.80 3.06
C ALA A 86 -12.27 -5.31 3.38
N ASP A 87 -11.81 -4.89 4.55
CA ASP A 87 -11.86 -3.47 4.91
C ASP A 87 -10.68 -2.67 4.36
N GLY A 88 -9.73 -3.31 3.68
CA GLY A 88 -8.58 -2.63 3.13
C GLY A 88 -7.30 -2.79 3.92
N SER A 89 -7.39 -3.17 5.19
CA SER A 89 -6.20 -3.41 5.99
C SER A 89 -5.25 -4.36 5.28
N ILE A 90 -3.96 -4.17 5.51
CA ILE A 90 -2.92 -4.92 4.82
C ILE A 90 -2.09 -5.69 5.84
N CYS A 91 -1.78 -6.95 5.52
CA CYS A 91 -0.79 -7.75 6.25
C CYS A 91 0.54 -7.63 5.50
N LEU A 92 1.45 -6.83 6.05
CA LEU A 92 2.79 -6.65 5.48
C LEU A 92 3.82 -6.81 6.57
N ASP A 93 4.89 -7.57 6.26
CA ASP A 93 5.90 -7.88 7.26
C ASP A 93 6.52 -6.61 7.84
N ILE A 94 6.88 -5.64 6.99
CA ILE A 94 7.53 -4.43 7.49
C ILE A 94 6.61 -3.53 8.28
N LEU A 95 5.29 -3.74 8.22
CA LEU A 95 4.35 -2.98 9.05
C LEU A 95 4.01 -3.71 10.34
N GLU A 96 4.42 -4.96 10.49
CA GLU A 96 4.09 -5.77 11.66
C GLU A 96 5.34 -6.21 12.41
N ASN A 97 6.23 -6.96 11.76
CA ASN A 97 7.39 -7.55 12.42
C ASN A 97 8.71 -6.95 11.96
N ARG A 98 8.82 -6.56 10.69
CA ARG A 98 10.10 -6.14 10.13
C ARG A 98 10.16 -4.64 9.86
N TRP A 99 9.69 -3.82 10.81
CA TRP A 99 9.74 -2.37 10.62
C TRP A 99 11.11 -1.83 10.97
N SER A 100 11.60 -0.91 10.15
CA SER A 100 12.88 -0.25 10.39
C SER A 100 12.69 1.26 10.27
N PRO A 101 13.19 2.06 11.22
CA PRO A 101 13.03 3.51 11.12
C PRO A 101 13.70 4.11 9.90
N THR A 102 14.40 3.28 9.11
CA THR A 102 14.95 3.70 7.84
C THR A 102 13.93 3.66 6.71
N TYR A 103 12.81 2.95 6.88
CA TYR A 103 11.78 2.92 5.86
C TYR A 103 10.99 4.21 5.86
N ASP A 104 10.68 4.72 4.67
CA ASP A 104 9.86 5.92 4.54
C ASP A 104 8.59 5.60 3.76
N VAL A 105 7.83 6.64 3.43
CA VAL A 105 6.60 6.43 2.66
C VAL A 105 6.91 5.74 1.35
N SER A 106 8.01 6.15 0.69
CA SER A 106 8.38 5.57 -0.60
C SER A 106 8.61 4.06 -0.48
N SER A 107 9.38 3.64 0.53
CA SER A 107 9.70 2.23 0.65
C SER A 107 8.48 1.43 1.10
N ILE A 108 7.58 2.06 1.86
CA ILE A 108 6.34 1.40 2.26
C ILE A 108 5.46 1.15 1.04
N LEU A 109 5.34 2.14 0.16
CA LEU A 109 4.51 1.95 -1.02
C LEU A 109 5.12 0.93 -1.97
N THR A 110 6.45 0.87 -2.07
CA THR A 110 7.03 -0.12 -2.97
C THR A 110 6.91 -1.52 -2.39
N SER A 111 7.05 -1.65 -1.06
CA SER A 111 6.88 -2.96 -0.45
C SER A 111 5.48 -3.52 -0.70
N ILE A 112 4.46 -2.66 -0.57
CA ILE A 112 3.09 -3.09 -0.88
C ILE A 112 2.98 -3.43 -2.36
N GLN A 113 3.56 -2.60 -3.22
CA GLN A 113 3.62 -2.89 -4.65
C GLN A 113 4.21 -4.27 -4.91
N SER A 114 5.31 -4.58 -4.24
CA SER A 114 5.91 -5.91 -4.34
C SER A 114 5.00 -6.97 -3.76
N LEU A 115 4.29 -6.65 -2.67
CA LEU A 115 3.35 -7.59 -2.08
C LEU A 115 2.29 -8.01 -3.09
N LEU A 116 1.76 -7.06 -3.86
CA LEU A 116 0.79 -7.39 -4.91
C LEU A 116 1.34 -8.46 -5.85
N ASP A 117 2.64 -8.37 -6.19
CA ASP A 117 3.24 -9.36 -7.09
C ASP A 117 3.41 -10.72 -6.40
N GLU A 118 3.85 -10.72 -5.15
CA GLU A 118 4.26 -11.95 -4.46
C GLU A 118 3.55 -12.02 -3.12
N PRO A 119 2.34 -12.60 -3.07
CA PRO A 119 1.61 -12.70 -1.81
C PRO A 119 2.34 -13.56 -0.78
N ASN A 120 2.22 -13.17 0.48
CA ASN A 120 2.79 -13.92 1.59
C ASN A 120 1.79 -14.99 2.02
N PRO A 121 2.09 -16.28 1.84
CA PRO A 121 1.10 -17.32 2.15
C PRO A 121 0.85 -17.52 3.64
N ASN A 122 1.65 -16.89 4.52
CA ASN A 122 1.47 -17.03 5.96
C ASN A 122 0.33 -16.18 6.50
N SER A 123 -0.20 -15.23 5.73
CA SER A 123 -1.22 -14.29 6.20
C SER A 123 -2.41 -14.28 5.24
N PRO A 124 -3.22 -15.35 5.24
CA PRO A 124 -4.40 -15.39 4.35
C PRO A 124 -5.54 -14.49 4.84
N ALA A 125 -5.35 -13.19 4.66
CA ALA A 125 -6.37 -12.23 5.11
C ALA A 125 -7.63 -12.29 4.26
N ASN A 126 -7.48 -12.64 2.98
CA ASN A 126 -8.61 -12.84 2.08
C ASN A 126 -8.61 -14.31 1.72
N SER A 127 -9.42 -15.10 2.43
CA SER A 127 -9.40 -16.55 2.27
C SER A 127 -9.67 -16.96 0.83
N GLN A 128 -10.62 -16.30 0.17
CA GLN A 128 -10.89 -16.66 -1.22
C GLN A 128 -9.73 -16.29 -2.13
N ALA A 129 -9.15 -15.09 -1.93
CA ALA A 129 -7.99 -14.70 -2.72
C ALA A 129 -6.83 -15.66 -2.50
N ALA A 130 -6.63 -16.08 -1.25
CA ALA A 130 -5.56 -17.04 -0.96
C ALA A 130 -5.86 -18.39 -1.60
N GLN A 131 -7.12 -18.85 -1.50
CA GLN A 131 -7.48 -20.14 -2.08
C GLN A 131 -7.28 -20.14 -3.59
N LEU A 132 -7.77 -19.10 -4.26
CA LEU A 132 -7.63 -19.04 -5.71
C LEU A 132 -6.17 -18.88 -6.12
N TYR A 133 -5.39 -18.13 -5.34
CA TYR A 133 -3.99 -17.90 -5.71
C TYR A 133 -3.20 -19.20 -5.69
N GLN A 134 -3.54 -20.12 -4.79
CA GLN A 134 -2.80 -21.35 -4.65
C GLN A 134 -3.42 -22.51 -5.41
N GLU A 135 -4.65 -22.36 -5.92
CA GLU A 135 -5.33 -23.44 -6.62
C GLU A 135 -5.84 -23.07 -8.00
N ASN A 136 -6.00 -21.78 -8.33
CA ASN A 136 -6.58 -21.45 -9.63
C ASN A 136 -6.10 -20.05 -10.03
N LYS A 137 -4.88 -20.01 -10.59
CA LYS A 137 -4.27 -18.75 -11.00
C LYS A 137 -5.13 -18.02 -12.02
N ARG A 138 -5.73 -18.75 -12.95
CA ARG A 138 -6.55 -18.12 -13.99
C ARG A 138 -7.72 -17.36 -13.37
N GLU A 139 -8.47 -18.03 -12.49
CA GLU A 139 -9.61 -17.41 -11.84
C GLU A 139 -9.16 -16.30 -10.90
N TYR A 140 -8.05 -16.50 -10.20
CA TYR A 140 -7.47 -15.43 -9.39
C TYR A 140 -7.26 -14.17 -10.23
N GLU A 141 -6.57 -14.32 -11.36
CA GLU A 141 -6.31 -13.17 -12.23
C GLU A 141 -7.58 -12.57 -12.82
N LYS A 142 -8.59 -13.41 -13.08
CA LYS A 142 -9.90 -12.89 -13.45
C LYS A 142 -10.45 -11.95 -12.38
N ARG A 143 -10.35 -12.34 -11.11
CA ARG A 143 -10.83 -11.47 -10.05
C ARG A 143 -9.99 -10.20 -9.95
N VAL A 144 -8.68 -10.33 -10.09
CA VAL A 144 -7.80 -9.16 -10.00
C VAL A 144 -8.07 -8.21 -11.14
N SER A 145 -8.28 -8.74 -12.35
CA SER A 145 -8.63 -7.90 -13.49
C SER A 145 -9.87 -7.07 -13.19
N ALA A 146 -10.86 -7.66 -12.53
CA ALA A 146 -12.08 -6.93 -12.22
C ALA A 146 -11.80 -5.74 -11.32
N ILE A 147 -10.99 -5.92 -10.27
CA ILE A 147 -10.72 -4.79 -9.39
C ILE A 147 -9.70 -3.82 -10.01
N VAL A 148 -8.85 -4.29 -10.91
CA VAL A 148 -8.00 -3.37 -11.68
C VAL A 148 -8.87 -2.37 -12.42
N GLU A 149 -9.88 -2.87 -13.14
CA GLU A 149 -10.77 -1.97 -13.88
C GLU A 149 -11.56 -1.08 -12.94
N GLN A 150 -11.99 -1.63 -11.80
CA GLN A 150 -12.72 -0.84 -10.82
C GLN A 150 -11.84 0.21 -10.15
N SER A 151 -10.52 0.00 -10.11
CA SER A 151 -9.63 0.98 -9.51
C SER A 151 -9.52 2.26 -10.34
N TRP A 152 -9.95 2.22 -11.60
CA TRP A 152 -9.97 3.42 -12.43
C TRP A 152 -11.12 4.34 -12.09
N ARG A 153 -12.06 3.87 -11.27
CA ARG A 153 -13.21 4.63 -10.83
C ARG A 153 -13.17 4.72 -9.31
N ASP A 154 -13.17 5.95 -8.78
CA ASP A 154 -13.04 6.16 -7.34
C ASP A 154 -14.43 6.45 -6.76
N CYS A 155 -15.18 5.38 -6.53
CA CYS A 155 -16.47 5.51 -5.87
C CYS A 155 -16.30 5.71 -4.37
#